data_4IFB
#
_entry.id   4IFB
#
_cell.length_a   73.374
_cell.length_b   94.683
_cell.length_c   129.468
_cell.angle_alpha   90.00
_cell.angle_beta   90.00
_cell.angle_gamma   90.00
#
_symmetry.space_group_name_H-M   'P 21 21 21'
#
loop_
_entity.id
_entity.type
_entity.pdbx_description
1 polymer 'Bile salt sulfotransferase'
2 non-polymer 'PHOSPHATE ION'
3 non-polymer "3'-PHOSPHATE-ADENOSINE-5'-PHOSPHATE SULFATE"
4 non-polymer 'POTASSIUM ION'
5 water water
#
_entity_poly.entity_id   1
_entity_poly.type   'polypeptide(L)'
_entity_poly.pdbx_seq_one_letter_code
;MSDDFLWFEGIAFPTMGFRSETLRKVRDEFVIRDEDVIILTYPKSGTNWLAEILCLMHSKGDAKWIQSVPIWERSPWVES
EIGYTALSETESPRLFSSHLPIQLFPKSFFSSKAKVIYLMRNPRDVLVSGYFFWKNMKFIKKPKSWEEYFEWFCQGTVLY
GSWFDHIHGWMPMREEKNFLLLSYEELKQDTGRTIEKICQFLGKTLEPEELNLILKNSSFQSMKENKMSNYSGGSVDYVV
DKAQLLRKGVSGDWKNHFTVAQAEDFDKLFQEKMADLPRELFPWE
;
_entity_poly.pdbx_strand_id   A,B
#
loop_
_chem_comp.id
_chem_comp.type
_chem_comp.name
_chem_comp.formula
K non-polymer 'POTASSIUM ION' 'K 1'
PO4 non-polymer 'PHOSPHATE ION' 'O4 P -3'
PPS non-polymer '3'-PHOSPHATE-ADENOSINE-5'-PHOSPHATE SULFATE' 'C10 H15 N5 O13 P2 S'
#
# COMPACT_ATOMS: atom_id res chain seq x y z
N SER A 2 3.63 -9.49 26.44
CA SER A 2 3.55 -10.49 25.32
C SER A 2 4.66 -11.56 25.41
N ASP A 3 4.26 -12.83 25.51
CA ASP A 3 5.22 -13.94 25.65
C ASP A 3 5.70 -14.55 24.30
N ASP A 4 5.60 -13.78 23.21
CA ASP A 4 6.31 -14.12 21.96
C ASP A 4 7.66 -13.40 21.85
N PHE A 5 7.88 -12.44 22.74
CA PHE A 5 9.17 -11.79 22.92
C PHE A 5 9.72 -12.13 24.30
N LEU A 6 11.04 -12.05 24.43
CA LEU A 6 11.67 -11.75 25.71
C LEU A 6 11.60 -10.24 26.02
N TRP A 7 10.90 -9.87 27.08
CA TRP A 7 10.82 -8.49 27.55
C TRP A 7 11.86 -8.17 28.62
N PHE A 8 12.68 -7.17 28.37
CA PHE A 8 13.72 -6.82 29.30
C PHE A 8 13.74 -5.30 29.41
N GLU A 9 13.56 -4.79 30.62
CA GLU A 9 13.49 -3.36 30.88
C GLU A 9 12.54 -2.63 29.91
N GLY A 10 11.40 -3.23 29.61
CA GLY A 10 10.43 -2.63 28.67
C GLY A 10 10.80 -2.71 27.18
N ILE A 11 11.85 -3.46 26.84
CA ILE A 11 12.27 -3.59 25.45
C ILE A 11 12.17 -5.04 24.97
N ALA A 12 11.74 -5.23 23.73
CA ALA A 12 11.49 -6.55 23.21
C ALA A 12 12.76 -7.15 22.58
N PHE A 13 13.07 -8.39 22.93
CA PHE A 13 14.13 -9.19 22.29
C PHE A 13 13.55 -10.55 21.77
N PRO A 14 14.26 -11.23 20.85
CA PRO A 14 13.82 -12.59 20.51
C PRO A 14 13.86 -13.52 21.73
N THR A 15 13.03 -14.56 21.71
CA THR A 15 12.94 -15.54 22.80
C THR A 15 13.98 -16.66 22.71
N MET A 16 14.78 -16.67 21.66
CA MET A 16 15.98 -17.52 21.62
C MET A 16 17.17 -16.62 21.34
N GLY A 17 18.33 -16.96 21.90
CA GLY A 17 19.54 -16.20 21.63
C GLY A 17 19.93 -15.19 22.69
N PHE A 18 18.99 -14.82 23.56
CA PHE A 18 19.21 -13.71 24.47
C PHE A 18 18.80 -14.17 25.86
N ARG A 19 19.52 -13.71 26.86
CA ARG A 19 19.22 -14.06 28.24
C ARG A 19 19.22 -12.81 29.07
N SER A 20 18.18 -12.65 29.87
CA SER A 20 18.04 -11.43 30.68
C SER A 20 19.20 -11.20 31.66
N GLU A 21 19.79 -12.27 32.16
CA GLU A 21 21.03 -12.22 32.91
C GLU A 21 22.17 -11.61 32.10
N THR A 22 22.29 -12.00 30.84
CA THR A 22 23.36 -11.45 30.03
C THR A 22 23.09 -9.96 29.75
N LEU A 23 21.84 -9.61 29.49
CA LEU A 23 21.47 -8.21 29.24
C LEU A 23 21.80 -7.29 30.44
N ARG A 24 21.56 -7.79 31.65
CA ARG A 24 21.90 -7.07 32.86
C ARG A 24 23.43 -6.89 32.98
N LYS A 25 24.18 -7.95 32.65
CA LYS A 25 25.63 -7.86 32.71
C LYS A 25 26.23 -6.93 31.68
N VAL A 26 25.66 -6.91 30.48
CA VAL A 26 26.06 -5.94 29.46
C VAL A 26 26.00 -4.53 30.05
N ARG A 27 24.89 -4.21 30.70
CA ARG A 27 24.69 -2.87 31.28
C ARG A 27 25.70 -2.66 32.42
N ASP A 28 25.76 -3.60 33.36
CA ASP A 28 26.41 -3.37 34.66
C ASP A 28 27.87 -3.69 34.69
N GLU A 29 28.28 -4.71 33.92
CA GLU A 29 29.59 -5.33 34.10
C GLU A 29 30.47 -5.26 32.88
N PHE A 30 29.88 -5.34 31.68
CA PHE A 30 30.70 -5.50 30.47
C PHE A 30 31.69 -4.35 30.39
N VAL A 31 32.97 -4.71 30.29
CA VAL A 31 34.06 -3.72 30.23
C VAL A 31 34.33 -3.32 28.77
N ILE A 32 34.13 -2.04 28.48
CA ILE A 32 34.47 -1.44 27.21
C ILE A 32 35.92 -0.97 27.19
N ARG A 33 36.70 -1.39 26.20
CA ARG A 33 38.08 -0.94 26.12
C ARG A 33 38.23 0.30 25.24
N ASP A 34 39.26 1.10 25.50
CA ASP A 34 39.51 2.35 24.78
C ASP A 34 39.78 2.10 23.30
N GLU A 35 40.27 0.91 22.98
CA GLU A 35 40.52 0.55 21.59
C GLU A 35 39.30 -0.05 20.87
N ASP A 36 38.17 -0.25 21.55
CA ASP A 36 37.00 -0.86 20.90
C ASP A 36 36.47 0.06 19.81
N VAL A 37 36.00 -0.52 18.72
CA VAL A 37 35.25 0.24 17.72
C VAL A 37 33.86 -0.38 17.63
N ILE A 38 32.82 0.42 17.87
CA ILE A 38 31.47 -0.14 17.99
C ILE A 38 30.45 0.46 17.00
N ILE A 39 29.70 -0.42 16.36
CA ILE A 39 28.63 -0.02 15.45
C ILE A 39 27.30 -0.07 16.20
N LEU A 40 26.58 1.05 16.21
CA LEU A 40 25.31 1.14 16.87
C LEU A 40 24.23 1.40 15.82
N THR A 41 23.19 0.59 15.83
CA THR A 41 22.06 0.85 14.91
C THR A 41 20.81 0.35 15.55
N TYR A 42 19.71 1.04 15.24
CA TYR A 42 18.40 0.43 15.34
C TYR A 42 18.32 -0.70 14.30
N PRO A 43 17.72 -1.85 14.62
CA PRO A 43 17.78 -2.97 13.64
C PRO A 43 17.29 -2.60 12.25
N LYS A 44 17.96 -3.13 11.21
CA LYS A 44 17.61 -2.95 9.80
C LYS A 44 18.00 -1.57 9.26
N SER A 45 18.96 -0.92 9.91
CA SER A 45 19.43 0.39 9.44
C SER A 45 20.71 0.31 8.61
N GLY A 46 21.28 -0.88 8.47
CA GLY A 46 22.52 -1.03 7.69
C GLY A 46 23.71 -1.55 8.46
N THR A 47 23.44 -2.28 9.54
CA THR A 47 24.50 -2.69 10.46
C THR A 47 25.55 -3.47 9.68
N ASN A 48 25.09 -4.50 8.96
CA ASN A 48 26.00 -5.41 8.27
C ASN A 48 26.80 -4.77 7.15
N TRP A 49 26.25 -3.72 6.60
CA TRP A 49 26.94 -3.03 5.53
C TRP A 49 28.13 -2.33 6.17
N LEU A 50 27.88 -1.64 7.27
CA LEU A 50 28.95 -0.93 7.99
C LEU A 50 29.97 -1.92 8.61
N ALA A 51 29.52 -3.05 9.11
CA ALA A 51 30.48 -4.10 9.57
C ALA A 51 31.40 -4.57 8.43
N GLU A 52 30.83 -4.75 7.23
CA GLU A 52 31.63 -5.15 6.09
C GLU A 52 32.64 -4.09 5.73
N ILE A 53 32.19 -2.82 5.64
CA ILE A 53 33.12 -1.73 5.35
C ILE A 53 34.29 -1.69 6.35
N LEU A 54 34.00 -1.73 7.65
CA LEU A 54 35.06 -1.73 8.68
C LEU A 54 35.96 -2.95 8.58
N CYS A 55 35.40 -4.14 8.31
CA CYS A 55 36.29 -5.27 8.08
C CYS A 55 37.20 -5.03 6.88
N LEU A 56 36.66 -4.46 5.79
CA LEU A 56 37.48 -4.25 4.60
C LEU A 56 38.53 -3.17 4.82
N MET A 57 38.23 -2.19 5.68
CA MET A 57 39.28 -1.24 6.12
C MET A 57 40.42 -1.95 6.85
N HIS A 58 40.06 -2.86 7.74
CA HIS A 58 41.06 -3.58 8.50
C HIS A 58 41.92 -4.42 7.53
N SER A 59 41.29 -5.09 6.56
CA SER A 59 42.05 -5.95 5.69
C SER A 59 42.52 -5.20 4.45
N LYS A 60 42.39 -3.87 4.41
CA LYS A 60 42.91 -3.06 3.28
C LYS A 60 42.31 -3.41 1.92
N GLY A 61 41.09 -3.92 1.92
CA GLY A 61 40.36 -4.10 0.71
C GLY A 61 40.48 -5.53 0.31
N ASP A 62 41.40 -6.25 0.92
CA ASP A 62 41.52 -7.66 0.58
C ASP A 62 40.27 -8.39 1.05
N ALA A 63 39.83 -9.38 0.30
CA ALA A 63 38.56 -10.01 0.59
C ALA A 63 38.60 -11.45 1.13
N LYS A 64 39.79 -12.04 1.31
CA LYS A 64 39.83 -13.48 1.68
C LYS A 64 39.17 -13.72 3.04
N TRP A 65 39.48 -12.84 3.99
CA TRP A 65 38.96 -13.00 5.34
C TRP A 65 37.42 -12.85 5.35
N ILE A 66 36.91 -11.79 4.72
CA ILE A 66 35.48 -11.56 4.77
C ILE A 66 34.71 -12.67 4.03
N GLN A 67 35.41 -13.35 3.13
CA GLN A 67 34.77 -14.41 2.33
C GLN A 67 34.86 -15.76 2.99
N SER A 68 35.64 -15.88 4.07
CA SER A 68 35.77 -17.17 4.73
C SER A 68 35.37 -17.21 6.22
N VAL A 69 35.20 -16.04 6.86
CA VAL A 69 34.61 -15.97 8.21
C VAL A 69 33.25 -15.27 8.22
N PRO A 70 32.25 -15.87 8.90
CA PRO A 70 30.94 -15.23 8.89
C PRO A 70 30.96 -13.81 9.53
N ILE A 71 30.16 -12.91 8.98
CA ILE A 71 30.19 -11.52 9.43
C ILE A 71 29.82 -11.40 10.91
N TRP A 72 28.98 -12.31 11.41
CA TRP A 72 28.61 -12.28 12.82
C TRP A 72 29.75 -12.70 13.75
N GLU A 73 30.77 -13.36 13.21
CA GLU A 73 31.99 -13.67 14.00
C GLU A 73 32.97 -12.51 13.91
N ARG A 74 32.95 -11.81 12.78
CA ARG A 74 33.88 -10.73 12.55
C ARG A 74 33.47 -9.47 13.32
N SER A 75 32.16 -9.26 13.45
CA SER A 75 31.64 -8.17 14.22
C SER A 75 30.51 -8.70 15.09
N PRO A 76 30.86 -9.24 16.25
CA PRO A 76 29.86 -9.88 17.09
C PRO A 76 28.81 -8.91 17.62
N TRP A 77 27.67 -9.46 17.94
CA TRP A 77 26.53 -8.69 18.37
C TRP A 77 26.55 -8.84 19.92
N VAL A 78 27.03 -7.79 20.57
CA VAL A 78 27.48 -7.90 21.96
C VAL A 78 26.40 -8.35 22.96
N GLU A 79 25.15 -7.91 22.80
CA GLU A 79 24.10 -8.31 23.76
C GLU A 79 23.58 -9.76 23.54
N SER A 80 24.01 -10.40 22.44
CA SER A 80 23.53 -11.76 22.18
C SER A 80 24.44 -12.74 22.93
N GLU A 81 23.92 -13.89 23.33
CA GLU A 81 24.74 -14.87 24.05
C GLU A 81 26.04 -15.19 23.33
N ILE A 82 25.92 -15.49 22.06
CA ILE A 82 27.04 -15.76 21.20
C ILE A 82 28.03 -14.59 21.17
N GLY A 83 27.55 -13.38 20.90
CA GLY A 83 28.42 -12.20 20.84
C GLY A 83 29.08 -11.94 22.19
N TYR A 84 28.31 -12.06 23.27
CA TYR A 84 28.85 -11.69 24.56
C TYR A 84 30.12 -12.50 24.94
N THR A 85 30.05 -13.82 24.76
CA THR A 85 31.12 -14.70 25.23
C THR A 85 32.31 -14.69 24.28
N ALA A 86 32.04 -14.70 22.97
CA ALA A 86 33.10 -14.44 21.98
C ALA A 86 33.95 -13.20 22.36
N LEU A 87 33.31 -12.08 22.65
CA LEU A 87 34.02 -10.80 22.84
C LEU A 87 34.92 -10.72 24.08
N SER A 88 34.52 -11.38 25.16
CA SER A 88 35.33 -11.35 26.38
C SER A 88 36.61 -12.18 26.20
N GLU A 89 36.65 -12.96 25.12
CA GLU A 89 37.83 -13.71 24.73
C GLU A 89 38.52 -13.20 23.46
N THR A 90 38.15 -12.02 23.00
CA THR A 90 38.74 -11.43 21.80
C THR A 90 39.79 -10.42 22.20
N GLU A 91 40.87 -10.40 21.44
CA GLU A 91 41.96 -9.48 21.68
C GLU A 91 41.64 -8.14 21.04
N SER A 92 41.96 -7.07 21.74
CA SER A 92 41.97 -5.76 21.11
C SER A 92 42.81 -5.79 19.83
N PRO A 93 42.45 -4.96 18.85
CA PRO A 93 41.27 -4.11 18.95
C PRO A 93 40.00 -4.85 18.51
N ARG A 94 38.94 -4.77 19.32
CA ARG A 94 37.69 -5.44 18.98
C ARG A 94 36.82 -4.58 18.08
N LEU A 95 36.11 -5.24 17.18
CA LEU A 95 35.02 -4.60 16.41
C LEU A 95 33.74 -5.33 16.79
N PHE A 96 32.71 -4.61 17.20
CA PHE A 96 31.43 -5.27 17.42
C PHE A 96 30.27 -4.33 17.26
N SER A 97 29.07 -4.86 17.37
CA SER A 97 27.92 -4.01 17.16
C SER A 97 26.87 -4.26 18.21
N SER A 98 25.97 -3.29 18.34
CA SER A 98 24.84 -3.41 19.26
C SER A 98 23.66 -2.69 18.62
N HIS A 99 22.45 -3.16 18.93
CA HIS A 99 21.23 -2.43 18.66
C HIS A 99 20.60 -1.78 19.93
N LEU A 100 21.30 -1.88 21.06
CA LEU A 100 20.72 -1.43 22.36
C LEU A 100 20.36 0.07 22.37
N PRO A 101 19.15 0.40 22.80
CA PRO A 101 18.95 1.79 23.14
C PRO A 101 19.88 2.22 24.31
N ILE A 102 20.13 3.51 24.43
CA ILE A 102 21.26 3.97 25.21
C ILE A 102 21.11 3.59 26.68
N GLN A 103 19.87 3.45 27.18
CA GLN A 103 19.64 3.15 28.63
C GLN A 103 20.06 1.73 28.96
N LEU A 104 20.27 0.90 27.93
CA LEU A 104 20.72 -0.49 28.18
C LEU A 104 22.20 -0.72 27.85
N PHE A 105 22.83 0.29 27.28
CA PHE A 105 24.22 0.14 26.79
C PHE A 105 25.23 0.09 27.96
N PRO A 106 26.36 -0.66 27.83
CA PRO A 106 27.31 -0.77 28.97
C PRO A 106 27.67 0.58 29.57
N LYS A 107 27.46 0.71 30.89
CA LYS A 107 27.87 1.90 31.66
C LYS A 107 29.32 2.23 31.38
N SER A 108 30.12 1.18 31.41
CA SER A 108 31.53 1.28 31.15
C SER A 108 31.84 2.14 29.91
N PHE A 109 30.95 2.18 28.93
CA PHE A 109 31.30 2.95 27.73
C PHE A 109 31.47 4.46 27.97
N PHE A 110 30.67 5.03 28.87
CA PHE A 110 30.48 6.49 28.88
C PHE A 110 31.66 7.24 29.50
N SER A 111 32.53 6.51 30.19
CA SER A 111 33.76 7.11 30.66
C SER A 111 35.00 6.58 29.96
N SER A 112 34.83 5.94 28.80
CA SER A 112 35.94 5.29 28.07
C SER A 112 36.29 6.18 26.88
N LYS A 113 37.27 5.75 26.07
CA LYS A 113 37.51 6.46 24.81
C LYS A 113 37.13 5.66 23.55
N ALA A 114 36.37 4.58 23.73
CA ALA A 114 36.00 3.72 22.62
C ALA A 114 35.29 4.60 21.59
N LYS A 115 35.37 4.19 20.32
CA LYS A 115 34.73 4.94 19.26
C LYS A 115 33.49 4.24 18.77
N VAL A 116 32.40 4.99 18.73
CA VAL A 116 31.14 4.47 18.23
C VAL A 116 30.72 5.19 16.98
N ILE A 117 30.23 4.40 16.04
CA ILE A 117 29.58 4.93 14.86
C ILE A 117 28.09 4.57 14.93
N TYR A 118 27.24 5.60 15.02
CA TYR A 118 25.78 5.41 15.04
C TYR A 118 25.23 5.58 13.63
N LEU A 119 24.59 4.55 13.11
CA LEU A 119 24.05 4.63 11.77
C LEU A 119 22.53 4.70 11.85
N MET A 120 22.00 5.79 11.32
CA MET A 120 20.56 5.95 11.23
C MET A 120 20.06 5.75 9.80
N ARG A 121 18.80 5.34 9.67
CA ARG A 121 18.14 5.14 8.41
C ARG A 121 16.71 5.62 8.56
N ASN A 122 16.17 6.23 7.49
CA ASN A 122 14.72 6.57 7.38
C ASN A 122 13.88 5.45 7.96
N PRO A 123 13.12 5.72 9.02
CA PRO A 123 12.43 4.60 9.67
C PRO A 123 11.35 3.96 8.79
N ARG A 124 10.90 4.63 7.73
CA ARG A 124 9.98 4.01 6.77
C ARG A 124 10.68 2.89 6.03
N ASP A 125 11.94 3.10 5.67
CA ASP A 125 12.73 2.05 5.01
C ASP A 125 13.11 0.93 6.00
N VAL A 126 13.34 1.32 7.26
CA VAL A 126 13.62 0.35 8.35
C VAL A 126 12.41 -0.56 8.57
N LEU A 127 11.22 0.05 8.55
CA LEU A 127 9.99 -0.73 8.74
C LEU A 127 9.82 -1.80 7.65
N VAL A 128 10.04 -1.40 6.40
CA VAL A 128 9.93 -2.32 5.26
C VAL A 128 10.93 -3.48 5.37
N SER A 129 12.19 -3.09 5.61
CA SER A 129 13.29 -4.02 5.75
C SER A 129 13.01 -5.07 6.80
N GLY A 130 12.62 -4.65 8.00
CA GLY A 130 12.36 -5.62 9.07
C GLY A 130 11.13 -6.46 8.78
N TYR A 131 10.08 -5.83 8.28
CA TYR A 131 8.90 -6.58 7.84
C TYR A 131 9.28 -7.81 7.02
N PHE A 132 10.07 -7.62 5.97
CA PHE A 132 10.39 -8.75 5.07
C PHE A 132 11.38 -9.74 5.67
N PHE A 133 12.32 -9.23 6.47
CA PHE A 133 13.31 -10.11 7.07
C PHE A 133 12.74 -11.02 8.13
N TRP A 134 11.93 -10.44 9.00
CA TRP A 134 11.40 -11.11 10.19
C TRP A 134 10.07 -11.81 10.00
N LYS A 135 9.40 -11.59 8.88
CA LYS A 135 7.97 -11.91 8.85
C LYS A 135 7.67 -13.41 9.00
N ASN A 136 8.65 -14.26 8.66
CA ASN A 136 8.52 -15.71 8.88
C ASN A 136 9.56 -16.28 9.82
N MET A 137 10.04 -15.48 10.77
CA MET A 137 11.05 -15.97 11.69
C MET A 137 10.53 -16.37 13.05
N LYS A 138 11.10 -17.45 13.58
CA LYS A 138 10.74 -18.01 14.88
C LYS A 138 11.32 -17.15 16.01
N PHE A 139 10.69 -17.27 17.19
CA PHE A 139 11.22 -16.62 18.39
C PHE A 139 10.96 -15.12 18.41
N ILE A 140 10.24 -14.63 17.42
CA ILE A 140 9.57 -13.34 17.53
C ILE A 140 8.02 -13.45 17.42
N LYS A 141 7.31 -12.41 17.83
CA LYS A 141 5.91 -12.26 17.47
C LYS A 141 5.75 -11.97 15.94
N LYS A 142 5.12 -12.89 15.22
CA LYS A 142 4.81 -12.68 13.80
C LYS A 142 3.51 -11.90 13.59
N PRO A 143 3.56 -10.87 12.73
CA PRO A 143 2.35 -10.09 12.51
C PRO A 143 1.39 -10.87 11.62
N LYS A 144 0.09 -10.69 11.82
CA LYS A 144 -0.92 -11.30 10.94
C LYS A 144 -0.93 -10.66 9.55
N SER A 145 -0.45 -9.41 9.47
CA SER A 145 -0.50 -8.65 8.23
C SER A 145 0.51 -7.49 8.20
N TRP A 146 0.80 -7.03 7.00
CA TRP A 146 1.50 -5.79 6.81
C TRP A 146 0.94 -4.65 7.65
N GLU A 147 -0.37 -4.46 7.61
CA GLU A 147 -1.00 -3.40 8.40
C GLU A 147 -0.70 -3.52 9.92
N GLU A 148 -0.73 -4.74 10.45
CA GLU A 148 -0.49 -4.97 11.87
C GLU A 148 0.97 -4.65 12.22
N TYR A 149 1.89 -5.13 11.39
CA TYR A 149 3.31 -4.85 11.63
C TYR A 149 3.60 -3.36 11.59
N PHE A 150 2.91 -2.67 10.69
CA PHE A 150 3.04 -1.22 10.60
C PHE A 150 2.58 -0.53 11.89
N GLU A 151 1.50 -1.05 12.47
CA GLU A 151 0.97 -0.51 13.70
C GLU A 151 1.93 -0.75 14.86
N TRP A 152 2.39 -1.99 15.02
CA TRP A 152 3.39 -2.32 16.02
C TRP A 152 4.61 -1.40 15.93
N PHE A 153 5.10 -1.19 14.71
CA PHE A 153 6.32 -0.45 14.51
C PHE A 153 6.10 0.97 14.98
N CYS A 154 4.98 1.56 14.60
CA CYS A 154 4.64 2.93 15.01
C CYS A 154 4.44 3.04 16.52
N GLN A 155 4.01 1.96 17.17
CA GLN A 155 3.80 1.99 18.61
C GLN A 155 5.04 1.59 19.39
N GLY A 156 6.04 1.08 18.67
CA GLY A 156 7.29 0.58 19.24
C GLY A 156 7.21 -0.80 19.87
N THR A 157 6.10 -1.51 19.66
CA THR A 157 6.04 -2.87 20.17
C THR A 157 6.68 -3.82 19.14
N VAL A 158 7.97 -3.57 18.84
CA VAL A 158 8.78 -4.40 17.96
C VAL A 158 10.14 -4.67 18.65
N LEU A 159 10.94 -5.59 18.09
CA LEU A 159 12.29 -5.85 18.56
C LEU A 159 13.08 -4.56 18.78
N TYR A 160 13.58 -4.39 20.00
CA TYR A 160 14.37 -3.21 20.36
C TYR A 160 13.60 -1.91 20.47
N GLY A 161 12.27 -2.01 20.60
CA GLY A 161 11.46 -0.90 21.07
C GLY A 161 11.31 0.17 20.00
N SER A 162 10.89 1.35 20.41
CA SER A 162 10.51 2.38 19.46
C SER A 162 11.72 2.96 18.74
N TRP A 163 11.59 3.22 17.45
CA TRP A 163 12.67 3.81 16.68
C TRP A 163 12.86 5.22 17.23
N PHE A 164 11.77 5.91 17.51
CA PHE A 164 11.81 7.30 17.97
C PHE A 164 12.57 7.44 19.30
N ASP A 165 12.40 6.48 20.20
CA ASP A 165 13.08 6.52 21.47
C ASP A 165 14.57 6.20 21.27
N HIS A 166 14.86 5.28 20.36
CA HIS A 166 16.22 4.82 20.18
C HIS A 166 17.03 6.04 19.79
N ILE A 167 16.50 6.76 18.81
CA ILE A 167 17.12 7.92 18.23
C ILE A 167 17.27 9.04 19.27
N HIS A 168 16.17 9.40 19.96
CA HIS A 168 16.22 10.38 21.08
C HIS A 168 17.26 9.99 22.13
N GLY A 169 17.28 8.74 22.52
CA GLY A 169 18.30 8.28 23.48
C GLY A 169 19.72 8.62 23.04
N TRP A 170 20.03 8.35 21.76
CA TRP A 170 21.38 8.37 21.30
C TRP A 170 21.81 9.72 20.77
N MET A 171 20.86 10.53 20.29
CA MET A 171 21.24 11.84 19.71
C MET A 171 22.02 12.80 20.64
N PRO A 172 21.79 12.75 21.97
CA PRO A 172 22.60 13.64 22.82
C PRO A 172 24.11 13.34 22.78
N MET A 173 24.51 12.20 22.20
CA MET A 173 25.94 11.86 22.09
C MET A 173 26.62 12.44 20.88
N ARG A 174 25.83 13.06 19.98
CA ARG A 174 26.32 13.32 18.64
C ARG A 174 27.49 14.33 18.53
N GLU A 175 27.72 15.15 19.54
CA GLU A 175 28.80 16.14 19.48
C GLU A 175 30.02 15.66 20.22
N GLU A 176 29.98 14.44 20.77
CA GLU A 176 31.15 13.90 21.45
C GLU A 176 32.22 13.55 20.44
N LYS A 177 33.48 13.71 20.83
CA LYS A 177 34.60 13.40 19.96
C LYS A 177 34.60 11.94 19.49
N ASN A 178 34.13 11.03 20.34
CA ASN A 178 34.27 9.60 20.07
C ASN A 178 32.96 8.99 19.59
N PHE A 179 32.14 9.83 18.96
CA PHE A 179 30.87 9.41 18.41
C PHE A 179 30.70 9.95 16.97
N LEU A 180 30.56 9.06 15.98
CA LEU A 180 30.27 9.51 14.60
C LEU A 180 28.84 9.17 14.25
N LEU A 181 28.11 10.21 13.89
CA LEU A 181 26.75 10.06 13.44
C LEU A 181 26.71 9.96 11.90
N LEU A 182 26.25 8.82 11.37
CA LEU A 182 26.10 8.65 9.91
C LEU A 182 24.67 8.29 9.57
N SER A 183 24.26 8.52 8.34
CA SER A 183 23.00 7.92 7.85
C SER A 183 23.24 6.91 6.73
N TYR A 184 22.31 5.98 6.59
CA TYR A 184 22.30 5.06 5.50
C TYR A 184 22.14 5.78 4.13
N GLU A 185 21.36 6.85 4.14
CA GLU A 185 21.11 7.62 2.94
C GLU A 185 22.38 8.23 2.38
N GLU A 186 23.18 8.85 3.24
CA GLU A 186 24.45 9.42 2.79
C GLU A 186 25.42 8.31 2.37
N LEU A 187 25.29 7.14 3.01
CA LEU A 187 26.25 6.08 2.77
C LEU A 187 25.93 5.50 1.39
N LYS A 188 24.64 5.40 1.09
CA LYS A 188 24.20 4.89 -0.20
C LYS A 188 24.49 5.88 -1.33
N GLN A 189 24.33 7.16 -1.04
CA GLN A 189 24.44 8.16 -2.06
C GLN A 189 25.88 8.53 -2.41
N ASP A 190 26.80 8.54 -1.44
CA ASP A 190 28.21 8.74 -1.74
C ASP A 190 29.05 7.89 -0.82
N THR A 191 29.18 6.62 -1.17
CA THR A 191 29.92 5.70 -0.34
C THR A 191 31.36 6.14 -0.09
N GLY A 192 32.03 6.62 -1.14
CA GLY A 192 33.44 7.06 -1.01
C GLY A 192 33.59 8.18 0.00
N ARG A 193 32.74 9.19 -0.11
CA ARG A 193 32.84 10.32 0.80
C ARG A 193 32.51 9.89 2.25
N THR A 194 31.63 8.93 2.42
CA THR A 194 31.30 8.44 3.75
C THR A 194 32.43 7.58 4.35
N ILE A 195 33.01 6.70 3.55
CA ILE A 195 34.16 5.95 4.00
C ILE A 195 35.32 6.85 4.39
N GLU A 196 35.45 7.98 3.70
CA GLU A 196 36.44 8.95 4.11
C GLU A 196 36.11 9.61 5.45
N LYS A 197 34.84 9.90 5.74
CA LYS A 197 34.46 10.41 7.06
C LYS A 197 34.85 9.39 8.14
N ILE A 198 34.65 8.10 7.84
CA ILE A 198 34.95 7.06 8.78
C ILE A 198 36.46 7.04 9.02
N CYS A 199 37.22 7.19 7.94
CA CYS A 199 38.69 7.27 8.06
C CYS A 199 39.17 8.40 8.97
N GLN A 200 38.68 9.61 8.77
CA GLN A 200 39.11 10.73 9.57
C GLN A 200 38.84 10.33 11.03
N PHE A 201 37.65 9.80 11.28
CA PHE A 201 37.18 9.61 12.62
C PHE A 201 38.01 8.55 13.33
N LEU A 202 38.29 7.47 12.65
CA LEU A 202 39.05 6.38 13.23
C LEU A 202 40.55 6.64 13.12
N GLY A 203 40.96 7.78 12.56
CA GLY A 203 42.38 8.03 12.21
C GLY A 203 43.06 6.96 11.34
N LYS A 204 42.41 6.52 10.26
CA LYS A 204 43.06 5.60 9.30
C LYS A 204 43.27 6.31 7.99
N THR A 205 44.33 5.91 7.29
CA THR A 205 44.60 6.38 5.94
C THR A 205 44.49 5.19 5.02
N LEU A 206 44.03 5.43 3.80
CA LEU A 206 43.92 4.37 2.79
C LEU A 206 44.67 4.76 1.53
N GLU A 207 45.36 3.80 0.94
CA GLU A 207 45.86 3.94 -0.41
C GLU A 207 44.70 3.96 -1.43
N PRO A 208 44.90 4.61 -2.59
CA PRO A 208 43.86 4.65 -3.62
C PRO A 208 43.35 3.26 -4.04
N GLU A 209 44.25 2.30 -4.20
CA GLU A 209 43.86 0.97 -4.62
C GLU A 209 43.12 0.17 -3.54
N GLU A 210 43.45 0.43 -2.27
CA GLU A 210 42.76 -0.19 -1.15
C GLU A 210 41.36 0.37 -1.08
N LEU A 211 41.24 1.68 -1.26
CA LEU A 211 39.94 2.32 -1.29
C LEU A 211 39.08 1.72 -2.41
N ASN A 212 39.61 1.59 -3.64
CA ASN A 212 38.84 1.00 -4.72
C ASN A 212 38.26 -0.33 -4.27
N LEU A 213 39.10 -1.14 -3.63
CA LEU A 213 38.72 -2.50 -3.28
C LEU A 213 37.70 -2.54 -2.14
N ILE A 214 37.80 -1.58 -1.21
CA ILE A 214 36.86 -1.49 -0.10
C ILE A 214 35.51 -1.09 -0.66
N LEU A 215 35.52 -0.13 -1.60
CA LEU A 215 34.29 0.24 -2.31
C LEU A 215 33.71 -0.92 -3.10
N LYS A 216 34.55 -1.63 -3.83
CA LYS A 216 34.02 -2.74 -4.64
C LYS A 216 33.38 -3.82 -3.77
N ASN A 217 34.10 -4.23 -2.71
CA ASN A 217 33.67 -5.43 -2.00
C ASN A 217 32.55 -5.20 -1.00
N SER A 218 32.25 -3.94 -0.72
CA SER A 218 31.18 -3.62 0.20
C SER A 218 29.95 -3.07 -0.55
N SER A 219 30.00 -3.04 -1.88
CA SER A 219 28.78 -2.64 -2.63
C SER A 219 27.72 -3.74 -2.54
N PHE A 220 26.48 -3.35 -2.71
CA PHE A 220 25.36 -4.31 -2.57
C PHE A 220 25.56 -5.56 -3.42
N GLN A 221 25.78 -5.37 -4.72
CA GLN A 221 26.04 -6.49 -5.64
C GLN A 221 27.12 -7.48 -5.21
N SER A 222 28.24 -7.01 -4.66
CA SER A 222 29.27 -7.97 -4.21
C SER A 222 28.90 -8.64 -2.91
N MET A 223 28.46 -7.86 -1.92
CA MET A 223 28.08 -8.47 -0.64
C MET A 223 27.01 -9.54 -0.79
N LYS A 224 26.02 -9.27 -1.63
CA LYS A 224 24.94 -10.21 -1.92
C LYS A 224 25.43 -11.61 -2.31
N GLU A 225 26.56 -11.67 -3.03
CA GLU A 225 27.11 -12.97 -3.48
C GLU A 225 27.83 -13.67 -2.36
N ASN A 226 28.50 -12.90 -1.50
CA ASN A 226 29.22 -13.44 -0.33
C ASN A 226 28.29 -14.07 0.71
N LYS A 227 28.27 -15.39 0.73
CA LYS A 227 27.38 -16.09 1.67
C LYS A 227 27.77 -15.93 3.16
N MET A 228 29.01 -15.49 3.41
CA MET A 228 29.47 -15.23 4.79
C MET A 228 28.82 -13.98 5.37
N SER A 229 28.38 -13.07 4.51
CA SER A 229 27.85 -11.77 4.90
C SER A 229 26.36 -11.64 4.72
N ASN A 230 25.86 -12.17 3.60
CA ASN A 230 24.43 -12.27 3.29
C ASN A 230 23.80 -13.57 3.83
N TYR A 231 23.60 -13.67 5.14
CA TYR A 231 22.89 -14.82 5.70
C TYR A 231 21.37 -14.58 5.63
N LYS A 242 13.81 -18.51 4.65
CA LYS A 242 14.50 -18.26 3.39
C LYS A 242 14.29 -16.82 2.87
N ALA A 243 14.53 -15.83 3.72
CA ALA A 243 14.52 -14.41 3.32
C ALA A 243 15.88 -13.73 3.59
N GLN A 244 16.41 -13.06 2.57
CA GLN A 244 17.80 -12.62 2.53
C GLN A 244 18.05 -11.35 3.36
N LEU A 245 19.19 -11.29 4.02
CA LEU A 245 19.64 -10.06 4.66
C LEU A 245 19.81 -8.93 3.66
N LEU A 246 20.39 -9.22 2.51
CA LEU A 246 20.53 -8.21 1.45
C LEU A 246 19.36 -8.29 0.49
N ARG A 247 18.32 -7.50 0.77
CA ARG A 247 17.07 -7.70 0.08
C ARG A 247 17.02 -6.85 -1.19
N LYS A 248 17.37 -5.58 -1.08
CA LYS A 248 17.27 -4.66 -2.21
C LYS A 248 18.35 -3.58 -2.09
N GLY A 249 18.60 -3.10 -0.87
CA GLY A 249 19.71 -2.21 -0.66
C GLY A 249 19.59 -0.84 -1.26
N VAL A 250 18.39 -0.25 -1.25
CA VAL A 250 18.22 1.15 -1.75
C VAL A 250 17.63 2.04 -0.64
N SER A 251 17.64 3.35 -0.84
CA SER A 251 16.71 4.25 -0.13
C SER A 251 15.40 4.45 -0.88
N GLY A 252 14.31 4.67 -0.16
CA GLY A 252 13.06 5.05 -0.86
C GLY A 252 12.12 3.89 -1.19
N ASP A 253 12.56 2.67 -0.90
CA ASP A 253 11.66 1.54 -1.09
C ASP A 253 10.33 1.61 -0.29
N TRP A 254 10.30 2.41 0.77
CA TRP A 254 9.08 2.48 1.56
C TRP A 254 7.88 2.89 0.68
N LYS A 255 8.13 3.73 -0.31
CA LYS A 255 7.10 4.10 -1.31
C LYS A 255 6.38 2.94 -2.01
N ASN A 256 7.04 1.82 -2.19
CA ASN A 256 6.42 0.70 -2.87
C ASN A 256 5.62 -0.13 -1.91
N HIS A 257 5.55 0.32 -0.66
CA HIS A 257 4.90 -0.52 0.33
C HIS A 257 3.91 0.21 1.24
N PHE A 258 4.17 1.46 1.56
CA PHE A 258 3.23 2.20 2.38
C PHE A 258 2.04 2.51 1.49
N THR A 259 0.83 2.31 2.02
CA THR A 259 -0.38 2.88 1.41
C THR A 259 -0.37 4.37 1.61
N VAL A 260 -1.23 5.08 0.89
CA VAL A 260 -1.24 6.54 1.01
C VAL A 260 -1.64 6.88 2.45
N ALA A 261 -2.57 6.11 3.02
CA ALA A 261 -3.09 6.42 4.37
C ALA A 261 -1.99 6.21 5.42
N GLN A 262 -1.31 5.05 5.36
CA GLN A 262 -0.10 4.79 6.15
C GLN A 262 0.98 5.86 6.00
N ALA A 263 1.29 6.27 4.78
CA ALA A 263 2.17 7.43 4.59
C ALA A 263 1.70 8.63 5.36
N GLU A 264 0.42 8.95 5.21
CA GLU A 264 -0.14 10.13 5.88
C GLU A 264 -0.08 10.00 7.43
N ASP A 265 -0.51 8.87 7.96
CA ASP A 265 -0.38 8.60 9.40
C ASP A 265 1.07 8.73 9.87
N PHE A 266 2.01 8.14 9.13
CA PHE A 266 3.40 8.15 9.54
C PHE A 266 3.99 9.56 9.49
N ASP A 267 3.66 10.33 8.46
CA ASP A 267 4.24 11.69 8.39
C ASP A 267 3.89 12.48 9.64
N LYS A 268 2.70 12.24 10.17
CA LYS A 268 2.21 13.07 11.25
C LYS A 268 2.76 12.57 12.59
N LEU A 269 2.92 11.25 12.74
CA LEU A 269 3.60 10.65 13.90
C LEU A 269 5.06 11.09 13.97
N PHE A 270 5.74 11.08 12.82
CA PHE A 270 7.12 11.55 12.76
C PHE A 270 7.27 13.03 13.13
N GLN A 271 6.45 13.90 12.53
CA GLN A 271 6.61 15.32 12.77
C GLN A 271 6.37 15.60 14.25
N GLU A 272 5.42 14.88 14.83
CA GLU A 272 5.12 15.03 16.26
C GLU A 272 6.23 14.48 17.21
N LYS A 273 6.69 13.25 16.98
CA LYS A 273 7.77 12.65 17.79
C LYS A 273 9.13 13.36 17.69
N MET A 274 9.45 13.93 16.52
CA MET A 274 10.82 14.43 16.26
C MET A 274 10.88 15.94 16.24
N ALA A 275 9.80 16.56 16.70
CA ALA A 275 9.66 18.02 16.65
C ALA A 275 10.77 18.69 17.44
N ASP A 276 11.27 18.01 18.48
CA ASP A 276 12.26 18.58 19.40
C ASP A 276 13.71 18.44 18.96
N LEU A 277 13.93 17.86 17.78
CA LEU A 277 15.30 17.69 17.26
C LEU A 277 15.44 18.50 15.98
N PRO A 278 16.66 18.99 15.68
CA PRO A 278 16.83 19.71 14.41
C PRO A 278 16.39 18.86 13.23
N ARG A 279 15.49 19.40 12.41
CA ARG A 279 15.05 18.73 11.19
C ARG A 279 16.24 18.34 10.31
N GLU A 280 17.31 19.14 10.38
CA GLU A 280 18.53 18.96 9.58
C GLU A 280 19.18 17.60 9.80
N LEU A 281 18.91 16.98 10.94
CA LEU A 281 19.52 15.70 11.25
C LEU A 281 19.08 14.59 10.32
N PHE A 282 17.88 14.69 9.76
CA PHE A 282 17.33 13.56 9.00
C PHE A 282 17.30 13.84 7.52
N PRO A 283 18.29 13.33 6.78
CA PRO A 283 18.48 13.73 5.39
C PRO A 283 17.32 13.37 4.43
N TRP A 284 16.41 12.49 4.85
CA TRP A 284 15.23 12.16 4.06
C TRP A 284 14.06 13.17 4.12
N GLU A 285 13.25 13.08 3.08
CA GLU A 285 11.90 13.64 3.01
C GLU A 285 11.05 13.14 4.19
N ASP B 3 -7.34 -13.72 -23.65
CA ASP B 3 -7.15 -14.60 -22.45
C ASP B 3 -8.43 -15.36 -22.00
N ASP B 4 -8.79 -15.27 -20.72
CA ASP B 4 -10.03 -15.87 -20.19
C ASP B 4 -11.25 -14.94 -20.26
N PHE B 5 -11.19 -13.95 -21.16
CA PHE B 5 -12.31 -13.08 -21.46
C PHE B 5 -12.93 -13.43 -22.81
N LEU B 6 -14.23 -13.18 -22.97
CA LEU B 6 -14.80 -12.99 -24.30
C LEU B 6 -14.47 -11.57 -24.80
N TRP B 7 -13.82 -11.48 -25.94
CA TRP B 7 -13.46 -10.17 -26.49
C TRP B 7 -14.45 -9.76 -27.56
N PHE B 8 -14.94 -8.53 -27.49
CA PHE B 8 -15.79 -8.05 -28.54
C PHE B 8 -15.43 -6.63 -28.86
N GLU B 9 -15.11 -6.40 -30.13
CA GLU B 9 -14.71 -5.08 -30.60
C GLU B 9 -13.62 -4.47 -29.68
N GLY B 10 -12.72 -5.32 -29.20
CA GLY B 10 -11.57 -4.86 -28.45
C GLY B 10 -11.87 -4.67 -26.98
N ILE B 11 -13.04 -5.16 -26.55
CA ILE B 11 -13.52 -4.96 -25.19
C ILE B 11 -13.74 -6.31 -24.52
N ALA B 12 -13.27 -6.44 -23.28
CA ALA B 12 -13.39 -7.71 -22.59
C ALA B 12 -14.72 -7.87 -21.86
N PHE B 13 -15.32 -9.05 -21.98
CA PHE B 13 -16.56 -9.38 -21.31
C PHE B 13 -16.32 -10.71 -20.62
N PRO B 14 -17.18 -11.09 -19.67
CA PRO B 14 -17.03 -12.42 -19.09
C PRO B 14 -17.33 -13.53 -20.12
N THR B 15 -16.88 -14.76 -19.89
CA THR B 15 -17.05 -15.83 -20.89
C THR B 15 -18.38 -16.58 -20.69
N MET B 16 -18.89 -16.54 -19.46
CA MET B 16 -20.21 -17.02 -19.16
C MET B 16 -21.23 -15.87 -19.23
N GLY B 17 -22.36 -16.13 -19.86
CA GLY B 17 -23.55 -15.28 -19.72
C GLY B 17 -23.62 -14.21 -20.80
N PHE B 18 -22.65 -14.23 -21.70
CA PHE B 18 -22.49 -13.20 -22.70
C PHE B 18 -22.21 -13.90 -24.02
N ARG B 19 -22.74 -13.35 -25.10
CA ARG B 19 -22.48 -13.88 -26.43
C ARG B 19 -22.20 -12.77 -27.42
N SER B 20 -21.21 -13.02 -28.25
CA SER B 20 -20.82 -12.11 -29.31
C SER B 20 -22.00 -11.75 -30.20
N GLU B 21 -22.89 -12.68 -30.43
CA GLU B 21 -23.97 -12.40 -31.36
C GLU B 21 -24.99 -11.47 -30.71
N THR B 22 -25.30 -11.72 -29.44
CA THR B 22 -26.12 -10.79 -28.65
C THR B 22 -25.53 -9.37 -28.61
N LEU B 23 -24.24 -9.26 -28.29
CA LEU B 23 -23.60 -7.95 -28.24
C LEU B 23 -23.71 -7.22 -29.56
N ARG B 24 -23.77 -7.97 -30.68
CA ARG B 24 -23.95 -7.37 -32.00
C ARG B 24 -25.37 -6.80 -32.14
N LYS B 25 -26.35 -7.60 -31.72
CA LYS B 25 -27.77 -7.18 -31.77
C LYS B 25 -28.08 -6.03 -30.80
N VAL B 26 -27.44 -6.06 -29.63
CA VAL B 26 -27.60 -5.00 -28.65
C VAL B 26 -27.21 -3.69 -29.32
N ARG B 27 -26.05 -3.71 -29.99
CA ARG B 27 -25.60 -2.49 -30.63
C ARG B 27 -26.45 -2.12 -31.85
N ASP B 28 -26.68 -3.09 -32.72
CA ASP B 28 -27.17 -2.79 -34.07
C ASP B 28 -28.69 -2.78 -34.24
N GLU B 29 -29.38 -3.47 -33.33
CA GLU B 29 -30.76 -3.89 -33.52
C GLU B 29 -31.68 -3.57 -32.34
N PHE B 30 -31.16 -3.63 -31.11
CA PHE B 30 -32.04 -3.58 -29.93
C PHE B 30 -32.79 -2.24 -29.89
N VAL B 31 -34.09 -2.29 -29.61
CA VAL B 31 -34.98 -1.16 -29.77
C VAL B 31 -35.13 -0.49 -28.39
N ILE B 32 -34.62 0.74 -28.30
CA ILE B 32 -34.77 1.58 -27.11
C ILE B 32 -36.10 2.35 -27.22
N ARG B 33 -36.85 2.43 -26.12
CA ARG B 33 -38.14 3.10 -26.14
C ARG B 33 -38.00 4.43 -25.39
N ASP B 34 -38.83 5.40 -25.78
CA ASP B 34 -38.80 6.74 -25.19
C ASP B 34 -39.03 6.73 -23.68
N GLU B 35 -39.65 5.65 -23.20
CA GLU B 35 -40.03 5.51 -21.80
C GLU B 35 -38.98 4.71 -20.98
N ASP B 36 -37.91 4.22 -21.63
CA ASP B 36 -36.81 3.54 -20.91
C ASP B 36 -36.06 4.50 -20.01
N VAL B 37 -35.74 4.01 -18.82
CA VAL B 37 -34.83 4.67 -17.92
C VAL B 37 -33.65 3.72 -17.76
N ILE B 38 -32.45 4.23 -18.05
CA ILE B 38 -31.24 3.45 -18.21
C ILE B 38 -30.12 4.00 -17.32
N ILE B 39 -29.58 3.13 -16.47
CA ILE B 39 -28.38 3.44 -15.65
C ILE B 39 -27.11 3.02 -16.37
N LEU B 40 -26.19 3.97 -16.58
CA LEU B 40 -24.92 3.68 -17.27
C LEU B 40 -23.81 3.88 -16.26
N THR B 41 -22.97 2.87 -16.11
CA THR B 41 -21.83 3.02 -15.22
C THR B 41 -20.70 2.23 -15.83
N TYR B 42 -19.47 2.68 -15.60
CA TYR B 42 -18.37 1.76 -15.69
C TYR B 42 -18.45 0.81 -14.47
N PRO B 43 -18.17 -0.48 -14.67
CA PRO B 43 -18.45 -1.45 -13.60
C PRO B 43 -17.82 -1.02 -12.26
N LYS B 44 -18.54 -1.23 -11.16
CA LYS B 44 -18.10 -0.94 -9.80
C LYS B 44 -18.17 0.53 -9.45
N SER B 45 -19.02 1.27 -10.14
CA SER B 45 -19.21 2.66 -9.81
C SER B 45 -20.42 2.94 -8.93
N GLY B 46 -21.24 1.92 -8.61
CA GLY B 46 -22.41 2.13 -7.75
C GLY B 46 -23.75 1.77 -8.42
N THR B 47 -23.69 0.94 -9.45
CA THR B 47 -24.86 0.57 -10.27
C THR B 47 -26.03 0.10 -9.43
N ASN B 48 -25.76 -0.90 -8.59
CA ASN B 48 -26.76 -1.45 -7.70
C ASN B 48 -27.30 -0.51 -6.64
N TRP B 49 -26.51 0.45 -6.21
CA TRP B 49 -27.05 1.44 -5.31
C TRP B 49 -28.13 2.25 -6.04
N LEU B 50 -27.85 2.65 -7.29
CA LEU B 50 -28.72 3.58 -8.02
C LEU B 50 -30.03 2.89 -8.43
N ALA B 51 -29.86 1.65 -8.92
CA ALA B 51 -30.94 0.72 -9.21
C ALA B 51 -31.90 0.51 -8.01
N GLU B 52 -31.34 0.30 -6.83
CA GLU B 52 -32.16 0.11 -5.64
C GLU B 52 -32.90 1.41 -5.30
N ILE B 53 -32.19 2.52 -5.32
CA ILE B 53 -32.85 3.83 -5.16
C ILE B 53 -34.04 4.04 -6.10
N LEU B 54 -33.87 3.73 -7.40
CA LEU B 54 -34.94 4.00 -8.39
C LEU B 54 -36.06 2.98 -8.24
N CYS B 55 -35.73 1.74 -7.89
CA CYS B 55 -36.78 0.78 -7.54
C CYS B 55 -37.61 1.31 -6.36
N LEU B 56 -36.92 1.76 -5.30
CA LEU B 56 -37.58 2.32 -4.13
C LEU B 56 -38.44 3.55 -4.48
N MET B 57 -37.97 4.42 -5.39
CA MET B 57 -38.83 5.51 -5.82
C MET B 57 -40.11 4.98 -6.46
N HIS B 58 -39.98 3.95 -7.29
CA HIS B 58 -41.14 3.36 -7.94
C HIS B 58 -42.14 2.86 -6.88
N SER B 59 -41.66 2.27 -5.79
CA SER B 59 -42.58 1.71 -4.81
C SER B 59 -42.83 2.66 -3.65
N LYS B 60 -42.52 3.94 -3.84
CA LYS B 60 -42.67 4.95 -2.79
C LYS B 60 -42.01 4.59 -1.46
N GLY B 61 -40.89 3.88 -1.49
CA GLY B 61 -40.17 3.60 -0.26
C GLY B 61 -40.49 2.25 0.34
N ASP B 62 -41.58 1.63 -0.11
CA ASP B 62 -41.92 0.29 0.37
C ASP B 62 -40.90 -0.75 -0.09
N ALA B 63 -40.53 -1.66 0.82
CA ALA B 63 -39.40 -2.54 0.63
C ALA B 63 -39.76 -3.94 0.16
N LYS B 64 -41.05 -4.24 0.05
CA LYS B 64 -41.46 -5.63 -0.18
C LYS B 64 -41.05 -6.19 -1.55
N TRP B 65 -41.19 -5.37 -2.59
CA TRP B 65 -40.74 -5.72 -3.93
C TRP B 65 -39.23 -5.98 -3.97
N ILE B 66 -38.44 -5.02 -3.49
CA ILE B 66 -37.00 -5.12 -3.59
C ILE B 66 -36.49 -6.27 -2.76
N GLN B 67 -37.30 -6.72 -1.81
CA GLN B 67 -36.89 -7.78 -0.89
C GLN B 67 -37.30 -9.14 -1.38
N SER B 68 -38.09 -9.18 -2.43
CA SER B 68 -38.59 -10.46 -2.89
C SER B 68 -38.25 -10.78 -4.36
N VAL B 69 -37.71 -9.80 -5.09
CA VAL B 69 -37.27 -9.97 -6.48
C VAL B 69 -35.79 -9.57 -6.62
N PRO B 70 -34.94 -10.46 -7.18
CA PRO B 70 -33.50 -10.11 -7.32
C PRO B 70 -33.32 -8.77 -8.04
N ILE B 71 -32.37 -7.98 -7.56
CA ILE B 71 -32.08 -6.65 -8.13
C ILE B 71 -31.82 -6.74 -9.64
N TRP B 72 -31.06 -7.75 -10.06
CA TRP B 72 -30.71 -7.93 -11.46
C TRP B 72 -31.89 -8.37 -12.30
N GLU B 73 -32.98 -8.74 -11.66
CA GLU B 73 -34.21 -8.95 -12.39
C GLU B 73 -35.07 -7.69 -12.47
N ARG B 74 -35.00 -6.86 -11.43
CA ARG B 74 -35.69 -5.54 -11.47
C ARG B 74 -34.96 -4.53 -12.36
N SER B 75 -33.65 -4.64 -12.47
CA SER B 75 -32.93 -3.76 -13.38
C SER B 75 -31.93 -4.59 -14.15
N PRO B 76 -32.39 -5.27 -15.20
CA PRO B 76 -31.52 -6.15 -15.97
C PRO B 76 -30.35 -5.43 -16.62
N TRP B 77 -29.31 -6.20 -16.82
CA TRP B 77 -28.11 -5.81 -17.51
C TRP B 77 -28.37 -6.10 -19.03
N VAL B 78 -28.65 -5.05 -19.79
CA VAL B 78 -29.13 -5.24 -21.17
C VAL B 78 -28.23 -6.14 -22.04
N GLU B 79 -26.91 -6.03 -21.86
CA GLU B 79 -25.96 -6.71 -22.74
C GLU B 79 -25.73 -8.16 -22.33
N SER B 80 -26.12 -8.58 -21.13
CA SER B 80 -26.11 -10.01 -20.81
C SER B 80 -27.15 -10.83 -21.62
N GLU B 81 -26.87 -12.13 -21.84
CA GLU B 81 -27.91 -13.03 -22.40
C GLU B 81 -29.30 -12.87 -21.74
N ILE B 82 -29.35 -13.00 -20.42
CA ILE B 82 -30.60 -12.99 -19.70
C ILE B 82 -31.37 -11.67 -19.77
N GLY B 83 -30.67 -10.56 -19.52
CA GLY B 83 -31.26 -9.23 -19.57
C GLY B 83 -31.69 -8.85 -20.97
N TYR B 84 -30.94 -9.26 -21.97
CA TYR B 84 -31.34 -8.97 -23.33
C TYR B 84 -32.70 -9.62 -23.57
N THR B 85 -32.83 -10.89 -23.21
CA THR B 85 -34.05 -11.60 -23.54
C THR B 85 -35.19 -11.08 -22.68
N ALA B 86 -34.96 -10.95 -21.36
CA ALA B 86 -36.02 -10.41 -20.48
C ALA B 86 -36.56 -9.04 -20.91
N LEU B 87 -35.68 -8.16 -21.39
CA LEU B 87 -36.12 -6.81 -21.71
C LEU B 87 -36.99 -6.76 -22.96
N SER B 88 -36.79 -7.71 -23.87
CA SER B 88 -37.69 -7.84 -25.03
C SER B 88 -39.13 -8.18 -24.65
N GLU B 89 -39.30 -8.72 -23.44
CA GLU B 89 -40.60 -9.09 -22.93
C GLU B 89 -40.94 -8.28 -21.68
N THR B 90 -40.55 -7.01 -21.65
CA THR B 90 -40.88 -6.15 -20.51
C THR B 90 -41.74 -4.98 -20.98
N GLU B 91 -42.86 -4.84 -20.32
CA GLU B 91 -43.74 -3.67 -20.48
C GLU B 91 -43.04 -2.39 -20.03
N SER B 92 -43.17 -1.34 -20.84
CA SER B 92 -42.81 0.02 -20.44
C SER B 92 -43.56 0.47 -19.17
N PRO B 93 -42.97 1.38 -18.39
CA PRO B 93 -41.61 1.93 -18.55
C PRO B 93 -40.57 0.91 -18.08
N ARG B 94 -39.57 0.62 -18.91
CA ARG B 94 -38.51 -0.30 -18.48
C ARG B 94 -37.43 0.41 -17.68
N LEU B 95 -36.87 -0.28 -16.72
CA LEU B 95 -35.66 0.15 -16.05
C LEU B 95 -34.54 -0.83 -16.35
N PHE B 96 -33.39 -0.34 -16.81
CA PHE B 96 -32.27 -1.26 -16.91
C PHE B 96 -30.90 -0.60 -16.85
N SER B 97 -29.87 -1.44 -16.75
CA SER B 97 -28.48 -1.04 -16.57
C SER B 97 -27.67 -1.46 -17.77
N SER B 98 -26.55 -0.77 -17.96
CA SER B 98 -25.55 -1.18 -18.95
C SER B 98 -24.19 -0.68 -18.48
N HIS B 99 -23.16 -1.46 -18.79
CA HIS B 99 -21.78 -1.02 -18.57
C HIS B 99 -21.11 -0.68 -19.89
N LEU B 100 -21.86 -0.72 -20.99
CA LEU B 100 -21.25 -0.61 -22.32
C LEU B 100 -20.66 0.75 -22.51
N PRO B 101 -19.47 0.82 -23.11
CA PRO B 101 -19.01 2.11 -23.61
C PRO B 101 -19.83 2.55 -24.81
N ILE B 102 -19.72 3.83 -25.14
CA ILE B 102 -20.61 4.39 -26.11
C ILE B 102 -20.63 3.59 -27.44
N GLN B 103 -19.47 3.18 -27.93
CA GLN B 103 -19.39 2.55 -29.25
C GLN B 103 -20.06 1.18 -29.30
N LEU B 104 -20.48 0.63 -28.16
CA LEU B 104 -21.21 -0.64 -28.19
C LEU B 104 -22.68 -0.49 -27.83
N PHE B 105 -23.10 0.72 -27.45
CA PHE B 105 -24.43 0.94 -26.92
C PHE B 105 -25.49 0.95 -28.04
N PRO B 106 -26.73 0.48 -27.74
CA PRO B 106 -27.74 0.46 -28.81
C PRO B 106 -27.82 1.76 -29.62
N LYS B 107 -27.71 1.63 -30.93
CA LYS B 107 -27.75 2.78 -31.82
C LYS B 107 -29.12 3.47 -31.81
N SER B 108 -30.19 2.71 -31.53
CA SER B 108 -31.54 3.33 -31.49
C SER B 108 -31.72 4.28 -30.32
N PHE B 109 -30.88 4.19 -29.29
CA PHE B 109 -30.93 5.17 -28.20
C PHE B 109 -30.81 6.60 -28.70
N PHE B 110 -29.98 6.83 -29.73
CA PHE B 110 -29.56 8.20 -30.02
C PHE B 110 -30.61 8.98 -30.78
N SER B 111 -31.62 8.30 -31.33
CA SER B 111 -32.77 9.04 -31.89
C SER B 111 -34.00 8.77 -31.03
N SER B 112 -33.82 8.40 -29.78
CA SER B 112 -34.94 8.17 -28.87
C SER B 112 -34.98 9.27 -27.83
N LYS B 113 -35.96 9.18 -26.94
CA LYS B 113 -36.02 10.14 -25.86
C LYS B 113 -35.84 9.41 -24.54
N ALA B 114 -35.36 8.18 -24.57
CA ALA B 114 -35.01 7.48 -23.31
C ALA B 114 -34.16 8.40 -22.43
N LYS B 115 -34.28 8.21 -21.12
CA LYS B 115 -33.42 8.91 -20.16
C LYS B 115 -32.29 8.02 -19.62
N VAL B 116 -31.06 8.54 -19.62
CA VAL B 116 -29.93 7.83 -19.02
C VAL B 116 -29.43 8.56 -17.79
N ILE B 117 -29.04 7.78 -16.81
CA ILE B 117 -28.33 8.36 -15.68
C ILE B 117 -26.94 7.75 -15.71
N TYR B 118 -25.94 8.57 -16.05
CA TYR B 118 -24.53 8.16 -15.98
C TYR B 118 -23.94 8.39 -14.60
N LEU B 119 -23.55 7.30 -13.94
CA LEU B 119 -22.97 7.38 -12.59
C LEU B 119 -21.45 7.13 -12.69
N MET B 120 -20.66 8.13 -12.33
CA MET B 120 -19.22 8.02 -12.27
C MET B 120 -18.70 7.92 -10.83
N ARG B 121 -17.59 7.21 -10.67
CA ARG B 121 -16.90 7.09 -9.37
C ARG B 121 -15.40 7.31 -9.61
N ASN B 122 -14.71 7.82 -8.59
CA ASN B 122 -13.27 7.93 -8.59
C ASN B 122 -12.66 6.62 -9.06
N PRO B 123 -11.91 6.65 -10.18
CA PRO B 123 -11.48 5.39 -10.71
C PRO B 123 -10.56 4.59 -9.76
N ARG B 124 -9.92 5.30 -8.83
CA ARG B 124 -9.09 4.62 -7.82
C ARG B 124 -9.95 3.77 -6.94
N ASP B 125 -11.12 4.29 -6.54
CA ASP B 125 -12.06 3.51 -5.76
C ASP B 125 -12.65 2.41 -6.61
N VAL B 126 -12.92 2.71 -7.89
CA VAL B 126 -13.42 1.64 -8.81
C VAL B 126 -12.43 0.48 -8.88
N LEU B 127 -11.16 0.84 -8.96
CA LEU B 127 -10.08 -0.13 -9.07
C LEU B 127 -10.09 -1.09 -7.89
N VAL B 128 -10.05 -0.53 -6.68
CA VAL B 128 -10.10 -1.32 -5.46
C VAL B 128 -11.29 -2.24 -5.41
N SER B 129 -12.45 -1.65 -5.72
CA SER B 129 -13.70 -2.36 -5.68
C SER B 129 -13.75 -3.55 -6.60
N GLY B 130 -13.26 -3.39 -7.82
CA GLY B 130 -13.26 -4.52 -8.77
C GLY B 130 -12.27 -5.57 -8.35
N TYR B 131 -11.11 -5.13 -7.86
CA TYR B 131 -10.08 -6.07 -7.48
C TYR B 131 -10.61 -7.08 -6.47
N PHE B 132 -11.24 -6.57 -5.41
CA PHE B 132 -11.73 -7.43 -4.36
C PHE B 132 -12.90 -8.29 -4.78
N PHE B 133 -13.73 -7.75 -5.66
CA PHE B 133 -14.91 -8.45 -6.13
C PHE B 133 -14.57 -9.56 -7.08
N TRP B 134 -13.67 -9.27 -8.03
CA TRP B 134 -13.33 -10.23 -9.08
C TRP B 134 -12.14 -11.09 -8.71
N LYS B 135 -11.57 -10.83 -7.54
CA LYS B 135 -10.42 -11.57 -7.01
C LYS B 135 -10.52 -13.08 -7.30
N ASN B 136 -11.33 -13.78 -6.52
CA ASN B 136 -11.59 -15.20 -6.79
C ASN B 136 -12.92 -15.34 -7.51
N MET B 137 -12.85 -15.73 -8.78
CA MET B 137 -14.05 -15.84 -9.60
C MET B 137 -13.75 -16.37 -11.00
N LYS B 138 -14.44 -17.45 -11.38
CA LYS B 138 -14.17 -18.14 -12.65
C LYS B 138 -14.92 -17.47 -13.80
N PHE B 139 -14.55 -17.80 -15.03
CA PHE B 139 -15.19 -17.28 -16.25
C PHE B 139 -14.77 -15.84 -16.57
N ILE B 140 -13.78 -15.34 -15.83
CA ILE B 140 -12.94 -14.20 -16.24
C ILE B 140 -11.48 -14.51 -15.87
N LYS B 141 -10.53 -13.76 -16.43
CA LYS B 141 -9.12 -13.93 -16.05
C LYS B 141 -8.81 -13.32 -14.66
N LYS B 142 -8.25 -14.13 -13.78
CA LYS B 142 -7.88 -13.67 -12.43
C LYS B 142 -6.44 -13.10 -12.41
N PRO B 143 -6.24 -11.95 -11.72
CA PRO B 143 -4.87 -11.42 -11.59
C PRO B 143 -4.06 -12.19 -10.54
N LYS B 144 -2.77 -12.33 -10.75
CA LYS B 144 -1.93 -13.06 -9.82
C LYS B 144 -1.68 -12.23 -8.55
N SER B 145 -1.85 -10.92 -8.66
CA SER B 145 -1.58 -10.03 -7.56
C SER B 145 -2.27 -8.67 -7.71
N TRP B 146 -2.19 -7.91 -6.62
CA TRP B 146 -2.76 -6.60 -6.55
C TRP B 146 -2.08 -5.71 -7.55
N GLU B 147 -0.77 -5.92 -7.70
CA GLU B 147 0.07 -5.02 -8.46
C GLU B 147 -0.17 -5.27 -9.94
N GLU B 148 -0.44 -6.53 -10.27
CA GLU B 148 -0.83 -6.89 -11.63
C GLU B 148 -2.24 -6.36 -12.03
N TYR B 149 -3.23 -6.57 -11.17
CA TYR B 149 -4.54 -6.01 -11.40
C TYR B 149 -4.45 -4.50 -11.60
N PHE B 150 -3.60 -3.85 -10.81
CA PHE B 150 -3.44 -2.43 -10.90
C PHE B 150 -2.94 -2.06 -12.30
N GLU B 151 -2.02 -2.87 -12.82
CA GLU B 151 -1.41 -2.57 -14.11
C GLU B 151 -2.47 -2.78 -15.18
N TRP B 152 -3.26 -3.83 -15.04
CA TRP B 152 -4.33 -4.10 -15.99
C TRP B 152 -5.27 -2.93 -16.09
N PHE B 153 -5.71 -2.42 -14.93
CA PHE B 153 -6.73 -1.38 -14.87
C PHE B 153 -6.18 -0.13 -15.50
N CYS B 154 -4.91 0.17 -15.22
CA CYS B 154 -4.29 1.33 -15.82
C CYS B 154 -4.22 1.20 -17.36
N GLN B 155 -4.10 -0.02 -17.85
CA GLN B 155 -3.88 -0.30 -19.27
C GLN B 155 -5.23 -0.47 -19.97
N GLY B 156 -6.29 -0.73 -19.21
CA GLY B 156 -7.58 -0.92 -19.82
C GLY B 156 -7.83 -2.39 -20.11
N THR B 157 -6.88 -3.25 -19.79
CA THR B 157 -7.09 -4.68 -20.03
C THR B 157 -7.92 -5.34 -18.95
N VAL B 158 -9.14 -4.84 -18.78
CA VAL B 158 -10.08 -5.32 -17.76
C VAL B 158 -11.47 -5.36 -18.41
N LEU B 159 -12.41 -6.04 -17.75
CA LEU B 159 -13.81 -6.02 -18.18
C LEU B 159 -14.32 -4.63 -18.53
N TYR B 160 -14.88 -4.54 -19.75
CA TYR B 160 -15.46 -3.32 -20.29
C TYR B 160 -14.44 -2.26 -20.63
N GLY B 161 -13.17 -2.64 -20.60
CA GLY B 161 -12.14 -1.79 -21.18
C GLY B 161 -11.71 -0.66 -20.27
N SER B 162 -11.13 0.36 -20.86
CA SER B 162 -10.48 1.41 -20.11
C SER B 162 -11.54 2.33 -19.50
N TRP B 163 -11.32 2.72 -18.25
CA TRP B 163 -12.20 3.64 -17.55
C TRP B 163 -12.08 4.96 -18.25
N PHE B 164 -10.85 5.31 -18.59
CA PHE B 164 -10.62 6.61 -19.25
C PHE B 164 -11.40 6.74 -20.56
N ASP B 165 -11.43 5.69 -21.40
CA ASP B 165 -12.24 5.71 -22.64
C ASP B 165 -13.77 5.75 -22.43
N HIS B 166 -14.25 4.92 -21.50
CA HIS B 166 -15.67 4.89 -21.13
C HIS B 166 -16.20 6.32 -20.87
N ILE B 167 -15.50 7.02 -19.98
CA ILE B 167 -15.81 8.39 -19.58
C ILE B 167 -15.70 9.30 -20.81
N HIS B 168 -14.55 9.25 -21.50
CA HIS B 168 -14.35 10.04 -22.74
C HIS B 168 -15.48 9.84 -23.77
N GLY B 169 -15.90 8.58 -23.95
CA GLY B 169 -16.95 8.24 -24.90
C GLY B 169 -18.30 8.84 -24.54
N TRP B 170 -18.63 8.87 -23.27
CA TRP B 170 -19.99 9.17 -22.83
C TRP B 170 -20.17 10.61 -22.41
N MET B 171 -19.08 11.29 -22.01
CA MET B 171 -19.17 12.67 -21.52
C MET B 171 -19.68 13.67 -22.53
N PRO B 172 -19.45 13.45 -23.85
CA PRO B 172 -20.00 14.47 -24.78
C PRO B 172 -21.55 14.48 -24.87
N MET B 173 -22.19 13.41 -24.38
CA MET B 173 -23.67 13.39 -24.21
C MET B 173 -24.21 14.28 -23.08
N ARG B 174 -23.35 14.78 -22.20
CA ARG B 174 -23.82 15.25 -20.87
C ARG B 174 -24.73 16.51 -20.88
N GLU B 175 -24.65 17.32 -21.93
CA GLU B 175 -25.56 18.47 -22.00
C GLU B 175 -26.97 18.13 -22.51
N GLU B 176 -27.15 16.97 -23.11
CA GLU B 176 -28.48 16.53 -23.56
C GLU B 176 -29.49 16.59 -22.42
N LYS B 177 -30.71 16.98 -22.75
CA LYS B 177 -31.79 17.05 -21.76
C LYS B 177 -32.04 15.71 -21.11
N ASN B 178 -31.88 14.63 -21.85
CA ASN B 178 -32.27 13.28 -21.39
C ASN B 178 -31.08 12.50 -20.75
N PHE B 179 -30.05 13.23 -20.31
CA PHE B 179 -28.83 12.64 -19.72
C PHE B 179 -28.59 13.27 -18.35
N LEU B 180 -28.59 12.48 -17.29
CA LEU B 180 -28.25 13.02 -15.98
C LEU B 180 -26.89 12.49 -15.58
N LEU B 181 -25.97 13.41 -15.25
CA LEU B 181 -24.64 13.02 -14.76
C LEU B 181 -24.56 13.04 -13.23
N LEU B 182 -24.27 11.90 -12.61
CA LEU B 182 -24.05 11.86 -11.17
C LEU B 182 -22.68 11.27 -10.83
N SER B 183 -22.27 11.44 -9.57
CA SER B 183 -21.07 10.77 -9.05
C SER B 183 -21.49 10.00 -7.82
N TYR B 184 -20.84 8.85 -7.64
CA TYR B 184 -20.89 8.08 -6.42
C TYR B 184 -20.60 8.97 -5.18
N GLU B 185 -19.67 9.92 -5.35
CA GLU B 185 -19.22 10.78 -4.27
C GLU B 185 -20.35 11.66 -3.75
N GLU B 186 -21.10 12.30 -4.64
CA GLU B 186 -22.16 13.17 -4.22
C GLU B 186 -23.32 12.31 -3.68
N LEU B 187 -23.45 11.09 -4.22
CA LEU B 187 -24.50 10.20 -3.73
C LEU B 187 -24.23 9.74 -2.29
N LYS B 188 -22.97 9.64 -1.96
CA LYS B 188 -22.56 9.20 -0.66
C LYS B 188 -22.56 10.42 0.28
N GLN B 189 -21.96 11.51 -0.16
CA GLN B 189 -21.88 12.62 0.72
C GLN B 189 -23.27 13.23 0.94
N ASP B 190 -24.13 13.27 -0.08
CA ASP B 190 -25.30 14.14 -0.10
C ASP B 190 -26.53 13.40 -0.66
N THR B 191 -26.92 12.34 0.02
CA THR B 191 -27.82 11.36 -0.51
C THR B 191 -29.20 11.95 -0.80
N GLY B 192 -29.79 12.66 0.18
CA GLY B 192 -31.09 13.36 -0.04
C GLY B 192 -31.08 14.31 -1.21
N ARG B 193 -30.03 15.11 -1.32
CA ARG B 193 -29.96 16.10 -2.38
C ARG B 193 -29.88 15.38 -3.73
N THR B 194 -29.15 14.28 -3.74
CA THR B 194 -28.98 13.55 -4.99
C THR B 194 -30.28 12.86 -5.42
N ILE B 195 -30.99 12.29 -4.47
CA ILE B 195 -32.26 11.69 -4.76
C ILE B 195 -33.25 12.74 -5.25
N GLU B 196 -33.22 13.91 -4.64
CA GLU B 196 -33.99 15.03 -5.16
C GLU B 196 -33.66 15.33 -6.64
N LYS B 197 -32.38 15.27 -7.02
CA LYS B 197 -32.03 15.57 -8.40
C LYS B 197 -32.58 14.50 -9.38
N ILE B 198 -32.48 13.23 -8.98
CA ILE B 198 -33.03 12.15 -9.74
C ILE B 198 -34.53 12.37 -9.90
N CYS B 199 -35.25 12.68 -8.81
CA CYS B 199 -36.70 12.94 -8.87
C CYS B 199 -37.04 14.04 -9.89
N GLN B 200 -36.27 15.11 -9.85
CA GLN B 200 -36.39 16.23 -10.76
C GLN B 200 -36.20 15.78 -12.19
N PHE B 201 -35.20 14.93 -12.40
CA PHE B 201 -34.83 14.57 -13.75
C PHE B 201 -35.91 13.62 -14.32
N LEU B 202 -36.40 12.71 -13.50
CA LEU B 202 -37.43 11.77 -13.93
C LEU B 202 -38.87 12.29 -13.83
N GLY B 203 -39.06 13.53 -13.38
CA GLY B 203 -40.40 14.10 -13.18
C GLY B 203 -41.21 13.45 -12.06
N LYS B 204 -40.55 13.07 -10.97
CA LYS B 204 -41.27 12.46 -9.83
C LYS B 204 -41.20 13.40 -8.64
N THR B 205 -42.12 13.24 -7.72
CA THR B 205 -42.10 14.07 -6.54
C THR B 205 -42.14 13.13 -5.37
N LEU B 206 -41.62 13.56 -4.24
CA LEU B 206 -41.54 12.66 -3.10
C LEU B 206 -41.76 13.35 -1.77
N GLU B 207 -42.56 12.71 -0.95
CA GLU B 207 -42.95 13.22 0.35
C GLU B 207 -41.84 12.84 1.33
N PRO B 208 -41.82 13.50 2.50
CA PRO B 208 -40.75 13.24 3.48
C PRO B 208 -40.77 11.83 4.06
N GLU B 209 -41.95 11.26 4.30
CA GLU B 209 -42.02 9.86 4.72
C GLU B 209 -41.43 8.91 3.65
N GLU B 210 -41.70 9.22 2.38
CA GLU B 210 -41.16 8.45 1.29
C GLU B 210 -39.65 8.61 1.23
N LEU B 211 -39.17 9.85 1.33
CA LEU B 211 -37.76 10.06 1.24
C LEU B 211 -37.01 9.27 2.31
N ASN B 212 -37.58 9.20 3.52
CA ASN B 212 -36.95 8.49 4.64
C ASN B 212 -36.87 7.00 4.47
N LEU B 213 -37.97 6.43 3.98
CA LEU B 213 -37.99 5.02 3.59
C LEU B 213 -36.93 4.70 2.52
N ILE B 214 -36.80 5.58 1.53
CA ILE B 214 -35.81 5.40 0.48
C ILE B 214 -34.39 5.43 1.06
N LEU B 215 -34.11 6.38 1.95
CA LEU B 215 -32.80 6.48 2.58
C LEU B 215 -32.56 5.30 3.53
N LYS B 216 -33.59 4.85 4.25
CA LYS B 216 -33.38 3.66 5.08
C LYS B 216 -33.13 2.41 4.23
N ASN B 217 -33.96 2.21 3.21
CA ASN B 217 -33.95 0.93 2.53
C ASN B 217 -32.90 0.82 1.43
N SER B 218 -32.18 1.91 1.19
CA SER B 218 -31.09 1.88 0.21
C SER B 218 -29.74 2.15 0.88
N SER B 219 -29.71 2.29 2.20
CA SER B 219 -28.43 2.38 2.91
C SER B 219 -27.59 1.12 2.65
N PHE B 220 -26.27 1.28 2.76
CA PHE B 220 -25.33 0.16 2.66
C PHE B 220 -25.75 -1.03 3.53
N GLN B 221 -25.96 -0.76 4.81
CA GLN B 221 -26.24 -1.80 5.81
C GLN B 221 -27.51 -2.54 5.42
N SER B 222 -28.55 -1.78 5.13
CA SER B 222 -29.81 -2.39 4.80
C SER B 222 -29.72 -3.20 3.49
N MET B 223 -29.02 -2.70 2.48
CA MET B 223 -28.84 -3.48 1.24
C MET B 223 -27.96 -4.71 1.44
N LYS B 224 -26.97 -4.61 2.32
CA LYS B 224 -26.10 -5.74 2.66
C LYS B 224 -26.86 -6.95 3.22
N GLU B 225 -27.84 -6.68 4.09
CA GLU B 225 -28.56 -7.77 4.74
C GLU B 225 -29.69 -8.31 3.87
N ASN B 226 -29.85 -7.78 2.67
CA ASN B 226 -30.92 -8.20 1.79
C ASN B 226 -30.42 -9.01 0.60
N LYS B 227 -30.76 -10.31 0.60
CA LYS B 227 -30.12 -11.28 -0.30
C LYS B 227 -30.48 -11.06 -1.76
N MET B 228 -31.52 -10.27 -1.99
CA MET B 228 -31.96 -10.01 -3.36
C MET B 228 -31.10 -8.93 -4.02
N SER B 229 -30.33 -8.21 -3.19
CA SER B 229 -29.48 -7.09 -3.60
C SER B 229 -28.01 -7.42 -3.44
N ASN B 230 -27.71 -8.48 -2.71
CA ASN B 230 -26.33 -8.82 -2.44
C ASN B 230 -25.90 -10.12 -3.12
N TYR B 231 -26.08 -10.20 -4.44
CA TYR B 231 -25.69 -11.38 -5.24
C TYR B 231 -25.32 -12.61 -4.40
N ALA B 243 -17.07 -13.74 -2.77
CA ALA B 243 -16.90 -12.33 -2.43
C ALA B 243 -18.18 -11.52 -2.72
N GLN B 244 -18.37 -10.45 -1.97
CA GLN B 244 -19.67 -9.77 -1.96
C GLN B 244 -19.75 -8.46 -2.77
N LEU B 245 -20.94 -8.23 -3.36
CA LEU B 245 -21.23 -7.00 -4.05
C LEU B 245 -21.10 -5.80 -3.13
N LEU B 246 -21.61 -5.95 -1.92
CA LEU B 246 -21.59 -4.84 -0.98
C LEU B 246 -20.41 -5.04 -0.03
N ARG B 247 -19.31 -4.35 -0.33
CA ARG B 247 -18.05 -4.68 0.31
C ARG B 247 -17.75 -3.74 1.48
N LYS B 248 -17.69 -2.44 1.22
CA LYS B 248 -17.41 -1.46 2.26
C LYS B 248 -18.30 -0.23 2.10
N GLY B 249 -18.52 0.18 0.85
CA GLY B 249 -19.49 1.24 0.57
C GLY B 249 -19.13 2.62 1.05
N VAL B 250 -17.85 2.98 1.01
CA VAL B 250 -17.44 4.38 1.23
C VAL B 250 -16.71 4.98 0.00
N SER B 251 -16.38 6.25 0.06
CA SER B 251 -15.43 6.89 -0.85
C SER B 251 -14.06 6.89 -0.19
N GLY B 252 -12.99 7.01 -0.97
CA GLY B 252 -11.64 7.13 -0.43
C GLY B 252 -10.98 5.88 0.16
N ASP B 253 -11.59 4.72 0.00
CA ASP B 253 -10.95 3.46 0.39
C ASP B 253 -9.68 3.16 -0.43
N TRP B 254 -9.48 3.88 -1.53
CA TRP B 254 -8.27 3.66 -2.35
C TRP B 254 -7.02 3.95 -1.53
N LYS B 255 -7.11 4.92 -0.63
CA LYS B 255 -5.98 5.29 0.24
C LYS B 255 -5.42 4.16 1.11
N ASN B 256 -6.24 3.13 1.32
CA ASN B 256 -5.82 1.97 2.09
C ASN B 256 -5.25 0.85 1.26
N HIS B 257 -5.08 1.10 -0.04
CA HIS B 257 -4.61 0.04 -0.94
C HIS B 257 -3.58 0.52 -1.95
N PHE B 258 -3.76 1.72 -2.49
CA PHE B 258 -2.71 2.26 -3.34
C PHE B 258 -1.43 2.44 -2.52
N THR B 259 -0.31 1.89 -2.98
CA THR B 259 0.96 2.27 -2.34
C THR B 259 1.18 3.70 -2.75
N VAL B 260 2.17 4.37 -2.14
CA VAL B 260 2.55 5.75 -2.50
C VAL B 260 3.03 5.85 -3.96
N ALA B 261 3.67 4.80 -4.45
CA ALA B 261 4.22 4.84 -5.81
C ALA B 261 3.08 4.65 -6.80
N GLN B 262 2.21 3.66 -6.56
CA GLN B 262 0.98 3.56 -7.32
C GLN B 262 0.20 4.89 -7.35
N ALA B 263 -0.07 5.49 -6.21
CA ALA B 263 -0.71 6.81 -6.24
C ALA B 263 0.01 7.79 -7.17
N GLU B 264 1.34 7.82 -7.14
CA GLU B 264 2.08 8.75 -8.01
C GLU B 264 1.87 8.39 -9.50
N ASP B 265 2.01 7.12 -9.84
CA ASP B 265 1.77 6.69 -11.22
C ASP B 265 0.36 7.05 -11.69
N PHE B 266 -0.64 6.68 -10.89
CA PHE B 266 -2.02 6.89 -11.26
C PHE B 266 -2.34 8.38 -11.44
N ASP B 267 -1.93 9.23 -10.51
CA ASP B 267 -2.07 10.68 -10.72
C ASP B 267 -1.56 11.15 -12.07
N LYS B 268 -0.35 10.72 -12.40
CA LYS B 268 0.28 11.12 -13.64
C LYS B 268 -0.58 10.67 -14.83
N LEU B 269 -0.96 9.40 -14.81
CA LEU B 269 -1.80 8.77 -15.84
C LEU B 269 -3.15 9.51 -15.96
N PHE B 270 -3.83 9.68 -14.83
CA PHE B 270 -5.12 10.39 -14.86
C PHE B 270 -4.99 11.76 -15.48
N GLN B 271 -4.04 12.54 -14.97
CA GLN B 271 -3.88 13.91 -15.42
C GLN B 271 -3.60 13.93 -16.93
N GLU B 272 -2.76 13.00 -17.39
CA GLU B 272 -2.50 12.93 -18.82
C GLU B 272 -3.73 12.52 -19.66
N LYS B 273 -4.48 11.53 -19.20
CA LYS B 273 -5.59 11.02 -19.99
C LYS B 273 -6.79 11.95 -20.00
N MET B 274 -6.97 12.73 -18.93
CA MET B 274 -8.18 13.54 -18.75
C MET B 274 -8.01 15.05 -18.95
N ALA B 275 -6.85 15.47 -19.46
CA ALA B 275 -6.52 16.91 -19.58
C ALA B 275 -7.46 17.66 -20.51
N ASP B 276 -8.04 16.95 -21.47
CA ASP B 276 -9.02 17.53 -22.40
C ASP B 276 -10.43 17.76 -21.84
N LEU B 277 -10.72 17.41 -20.58
CA LEU B 277 -12.05 17.67 -20.00
C LEU B 277 -11.97 18.61 -18.80
N PRO B 278 -13.02 19.39 -18.54
CA PRO B 278 -12.96 20.30 -17.37
C PRO B 278 -12.72 19.52 -16.07
N ARG B 279 -11.76 19.98 -15.28
CA ARG B 279 -11.43 19.35 -14.01
C ARG B 279 -12.65 19.32 -13.11
N GLU B 280 -13.54 20.30 -13.30
CA GLU B 280 -14.76 20.43 -12.49
C GLU B 280 -15.65 19.20 -12.59
N LEU B 281 -15.58 18.48 -13.72
CA LEU B 281 -16.31 17.21 -13.84
C LEU B 281 -16.03 16.22 -12.72
N PHE B 282 -14.80 16.19 -12.19
CA PHE B 282 -14.38 15.16 -11.23
C PHE B 282 -14.24 15.65 -9.77
N PRO B 283 -15.26 15.39 -8.93
CA PRO B 283 -15.31 15.84 -7.54
C PRO B 283 -14.46 14.96 -6.61
N TRP B 284 -13.18 14.82 -6.90
CA TRP B 284 -12.26 14.12 -6.02
C TRP B 284 -10.86 14.67 -6.32
N GLU B 285 -9.83 14.11 -5.70
CA GLU B 285 -8.42 14.54 -5.89
C GLU B 285 -8.25 16.06 -6.01
P PO4 C . 9.95 -3.82 -4.36
O1 PO4 C . 10.11 -2.98 -3.11
O2 PO4 C . 9.16 -5.07 -3.99
O3 PO4 C . 9.21 -3.02 -5.42
O4 PO4 C . 11.32 -4.26 -4.88
S2 PPS D . 20.26 -6.35 11.01
OS1 PPS D . 19.78 -7.94 11.09
OS2 PPS D . 19.54 -5.57 12.01
OS3 PPS D . 21.68 -6.31 11.33
O6P PPS D . 20.02 -5.77 9.57
P2 PPS D . 20.91 -4.55 9.03
O4P PPS D . 22.29 -5.11 8.60
O5P PPS D . 21.04 -3.39 9.98
O5' PPS D . 20.11 -3.98 7.75
C5' PPS D . 19.83 -4.74 6.59
C4' PPS D . 19.47 -3.72 5.51
O4' PPS D . 20.67 -3.07 5.02
C1' PPS D . 20.82 -3.35 3.65
N9 PPS D . 22.21 -3.51 3.19
C4 PPS D . 22.78 -2.82 2.19
N3 PPS D . 22.42 -1.75 1.42
C2 PPS D . 23.28 -1.22 0.52
N1 PPS D . 24.50 -1.75 0.28
C6 PPS D . 24.99 -2.81 0.98
N6 PPS D . 26.23 -3.34 0.74
C5 PPS D . 24.11 -3.41 2.00
N7 PPS D . 24.21 -4.44 2.87
C8 PPS D . 23.06 -4.49 3.58
C2' PPS D . 20.05 -4.67 3.46
O2' PPS D . 19.77 -4.95 2.07
C3' PPS D . 18.81 -4.40 4.30
O3' PPS D . 17.97 -3.37 3.73
P1 PPS D . 16.71 -3.61 2.70
O1P PPS D . 15.88 -4.67 3.41
O2P PPS D . 17.36 -4.05 1.39
O3P PPS D . 16.11 -2.24 2.62
K K E . 30.98 13.80 16.86
P PO4 F . -9.86 -1.69 4.18
O1 PO4 F . -11.15 -2.06 4.87
O2 PO4 F . -10.20 -1.22 2.77
O3 PO4 F . -9.16 -0.57 4.93
O4 PO4 F . -8.96 -2.91 4.11
S2 PPS G . -21.39 -3.82 -10.53
OS1 PPS G . -21.15 -5.44 -10.43
OS2 PPS G . -20.54 -3.28 -11.56
OS3 PPS G . -22.77 -3.56 -10.86
O6P PPS G . -21.05 -3.16 -9.13
P2 PPS G . -21.60 -1.69 -8.70
O4P PPS G . -23.01 -1.89 -8.14
O5P PPS G . -21.42 -0.69 -9.82
O5' PPS G . -20.59 -1.25 -7.54
C5' PPS G . -20.43 -1.99 -6.34
C4' PPS G . -19.82 -0.97 -5.38
O4' PPS G . -20.84 -0.01 -5.03
C1' PPS G . -21.03 -0.04 -3.62
N9 PPS G . -22.41 0.12 -3.12
C4 PPS G . -22.80 0.97 -2.15
N3 PPS G . -22.21 1.96 -1.45
C2 PPS G . -22.92 2.66 -0.53
N1 PPS G . -24.21 2.44 -0.23
C6 PPS G . -24.91 1.45 -0.85
N6 PPS G . -26.21 1.18 -0.58
C5 PPS G . -24.20 0.66 -1.88
N7 PPS G . -24.55 -0.36 -2.69
C8 PPS G . -23.46 -0.68 -3.42
C2' PPS G . -20.53 -1.44 -3.24
O2' PPS G . -20.27 -1.65 -1.85
C3' PPS G . -19.28 -1.58 -4.09
O3' PPS G . -18.24 -0.70 -3.60
P1 PPS G . -17.05 -1.08 -2.55
O1P PPS G . -16.43 -2.33 -3.16
O2P PPS G . -17.69 -1.24 -1.19
O3P PPS G . -16.22 0.19 -2.62
P PO4 H . -43.97 5.56 -10.56
O1 PO4 H . -43.90 5.69 -9.05
O2 PO4 H . -45.10 4.64 -10.96
O3 PO4 H . -44.19 6.93 -11.18
O4 PO4 H . -42.68 4.96 -11.09
K K I . -28.01 17.12 -18.90
P PO4 J . -4.37 -5.72 -1.19
O1 PO4 J . -5.05 -6.33 0.01
O2 PO4 J . -5.21 -6.02 -2.41
O3 PO4 J . -4.26 -4.21 -1.04
O4 PO4 J . -3.01 -6.35 -1.38
#